data_3O73
#
_entry.id   3O73
#
_cell.length_a   57.080
_cell.length_b   82.050
_cell.length_c   106.340
_cell.angle_alpha   90.00
_cell.angle_beta   90.00
_cell.angle_gamma   90.00
#
_symmetry.space_group_name_H-M   'P 21 21 21'
#
loop_
_entity.id
_entity.type
_entity.pdbx_description
1 polymer 'Ribosyldihydronicotinamide dehydrogenase [quinone]'
2 non-polymer 'ZINC ION'
3 non-polymer 'FLAVIN-ADENINE DINUCLEOTIDE'
4 non-polymer 5-[(4-aminobutyl)amino]-1,2-dimethyl-3-[(4-nitrophenoxy)methyl]-1H-indole-4,7-dione
5 water water
#
_entity_poly.entity_id   1
_entity_poly.type   'polypeptide(L)'
_entity_poly.pdbx_seq_one_letter_code
;MAGKKVLIVYAHQEPKSFNGSLKNVAVDELSRQGCTVTVSDLYAMNFEPRATDKDITGTLSNPEVFNYGVETHEAYKQRS
LASDITDEQKKVREADLVIFQFPLYWFSVPAILKGWMDRVLCQGFAFDIPGFYDSGLLQGKLALLSVTTGGTAEMYTKTG
VNGDSRYFLWPLQHGTLHFCGFKVLAPQISFAPEIASEEERKGMVAAWSQRLQTIWKEEPIPCTAHWHFGQHHHHHH
;
_entity_poly.pdbx_strand_id   A,B
#
# COMPACT_ATOMS: atom_id res chain seq x y z
N ALA A 2 -34.09 0.62 9.73
CA ALA A 2 -33.63 1.83 10.46
C ALA A 2 -32.24 1.59 11.05
N GLY A 3 -31.81 2.48 11.97
CA GLY A 3 -30.54 2.35 12.70
C GLY A 3 -29.29 2.18 11.83
N LYS A 4 -28.21 2.86 12.20
CA LYS A 4 -27.01 2.82 11.38
C LYS A 4 -25.98 1.78 11.86
N LYS A 5 -25.29 1.11 10.94
CA LYS A 5 -24.21 0.21 11.31
C LYS A 5 -22.85 0.72 10.82
N VAL A 6 -21.86 0.56 11.69
CA VAL A 6 -20.53 1.07 11.49
C VAL A 6 -19.49 -0.05 11.75
N LEU A 7 -18.67 -0.28 10.73
CA LEU A 7 -17.53 -1.12 10.86
C LEU A 7 -16.34 -0.16 10.97
N ILE A 8 -15.52 -0.32 11.99
CA ILE A 8 -14.25 0.36 12.05
C ILE A 8 -13.07 -0.63 11.73
N VAL A 9 -12.32 -0.37 10.65
CA VAL A 9 -11.13 -1.18 10.37
C VAL A 9 -9.93 -0.47 10.99
N TYR A 10 -9.31 -1.10 11.96
CA TYR A 10 -8.26 -0.46 12.77
C TYR A 10 -6.88 -1.14 12.66
N ALA A 11 -5.80 -0.39 12.46
CA ALA A 11 -4.45 -0.99 12.21
C ALA A 11 -3.39 -0.22 13.00
N HIS A 12 -3.29 -0.48 14.28
CA HIS A 12 -2.14 0.04 15.00
C HIS A 12 -1.86 -1.05 16.00
N GLN A 13 -0.62 -1.08 16.46
CA GLN A 13 -0.17 -2.16 17.33
C GLN A 13 -0.47 -1.89 18.79
N GLU A 14 -0.57 -0.63 19.18
CA GLU A 14 -0.65 -0.20 20.58
C GLU A 14 -2.00 0.44 20.95
N PRO A 15 -2.69 -0.13 21.98
CA PRO A 15 -3.93 0.49 22.49
C PRO A 15 -3.76 1.90 23.09
N LYS A 16 -2.62 2.21 23.72
CA LYS A 16 -2.43 3.55 24.35
C LYS A 16 -2.01 4.64 23.35
N SER A 17 -2.01 4.24 22.09
CA SER A 17 -1.57 5.06 21.00
C SER A 17 -2.57 6.18 20.63
N PHE A 18 -2.14 7.14 19.83
CA PHE A 18 -3.06 8.18 19.39
C PHE A 18 -4.15 7.54 18.50
N ASN A 19 -3.75 6.59 17.64
CA ASN A 19 -4.75 5.90 16.79
C ASN A 19 -5.74 5.18 17.65
N GLY A 20 -5.25 4.47 18.67
CA GLY A 20 -6.17 3.75 19.59
C GLY A 20 -7.16 4.67 20.23
N SER A 21 -6.70 5.88 20.57
CA SER A 21 -7.57 6.86 21.23
C SER A 21 -8.61 7.38 20.24
N LEU A 22 -8.19 7.66 19.03
CA LEU A 22 -9.16 8.05 18.02
C LEU A 22 -10.10 6.92 17.70
N LYS A 23 -9.63 5.70 17.88
CA LYS A 23 -10.56 4.55 17.69
C LYS A 23 -11.63 4.39 18.84
N ASN A 24 -11.18 4.48 20.08
CA ASN A 24 -12.03 4.42 21.25
C ASN A 24 -13.04 5.55 21.21
N VAL A 25 -12.59 6.73 20.77
CA VAL A 25 -13.47 7.88 20.73
C VAL A 25 -14.64 7.66 19.78
N ALA A 26 -14.34 7.05 18.65
CA ALA A 26 -15.34 6.74 17.62
C ALA A 26 -16.30 5.67 18.06
N VAL A 27 -15.78 4.65 18.74
CA VAL A 27 -16.64 3.61 19.24
C VAL A 27 -17.58 4.24 20.30
N ASP A 28 -17.06 4.96 21.29
CA ASP A 28 -17.89 5.59 22.33
C ASP A 28 -18.99 6.52 21.80
N GLU A 29 -18.62 7.38 20.86
CA GLU A 29 -19.53 8.37 20.29
C GLU A 29 -20.54 7.74 19.30
N LEU A 30 -20.13 6.85 18.45
CA LEU A 30 -21.14 6.19 17.58
C LEU A 30 -22.10 5.29 18.40
N SER A 31 -21.52 4.63 19.39
CA SER A 31 -22.24 3.81 20.34
C SER A 31 -23.30 4.65 21.06
N ARG A 32 -22.91 5.86 21.50
CA ARG A 32 -23.78 6.79 22.19
C ARG A 32 -24.96 7.25 21.35
N GLN A 33 -24.76 7.41 20.05
CA GLN A 33 -25.86 7.77 19.18
C GLN A 33 -26.72 6.54 18.92
N GLY A 34 -26.34 5.39 19.49
CA GLY A 34 -27.15 4.19 19.30
C GLY A 34 -26.82 3.46 18.03
N CYS A 35 -25.67 3.76 17.42
CA CYS A 35 -25.20 2.92 16.27
C CYS A 35 -24.83 1.50 16.69
N THR A 36 -25.03 0.57 15.75
CA THR A 36 -24.46 -0.75 15.83
C THR A 36 -22.98 -0.64 15.42
N VAL A 37 -22.08 -0.97 16.33
CA VAL A 37 -20.69 -0.81 16.07
C VAL A 37 -19.93 -2.13 16.14
N THR A 38 -19.01 -2.29 15.21
CA THR A 38 -18.07 -3.40 15.16
C THR A 38 -16.68 -2.93 14.79
N VAL A 39 -15.69 -3.50 15.48
CA VAL A 39 -14.28 -3.19 15.28
C VAL A 39 -13.52 -4.45 14.80
N SER A 40 -12.78 -4.26 13.71
CA SER A 40 -11.73 -5.20 13.30
C SER A 40 -10.39 -4.65 13.73
N ASP A 41 -9.85 -5.17 14.81
CA ASP A 41 -8.50 -4.84 15.24
C ASP A 41 -7.47 -5.81 14.62
N LEU A 42 -7.09 -5.51 13.36
CA LEU A 42 -6.22 -6.38 12.55
C LEU A 42 -4.97 -6.91 13.29
N TYR A 43 -4.24 -6.07 14.02
CA TYR A 43 -3.10 -6.62 14.68
C TYR A 43 -3.51 -7.60 15.78
N ALA A 44 -4.52 -7.27 16.59
CA ALA A 44 -4.93 -8.16 17.67
C ALA A 44 -5.51 -9.46 17.14
N MET A 45 -6.01 -9.44 15.91
CA MET A 45 -6.54 -10.66 15.35
C MET A 45 -5.41 -11.44 14.64
N ASN A 46 -4.20 -10.88 14.60
CA ASN A 46 -3.09 -11.41 13.74
C ASN A 46 -3.56 -11.55 12.31
N PHE A 47 -4.28 -10.56 11.81
CA PHE A 47 -4.88 -10.69 10.44
C PHE A 47 -3.83 -11.05 9.35
N GLU A 48 -4.17 -12.00 8.48
CA GLU A 48 -3.26 -12.51 7.43
C GLU A 48 -3.23 -11.50 6.23
N PRO A 49 -2.08 -10.86 5.97
CA PRO A 49 -2.05 -9.86 4.87
C PRO A 49 -1.67 -10.39 3.47
N ARG A 50 -1.02 -11.56 3.40
CA ARG A 50 -0.51 -12.09 2.14
C ARG A 50 -1.68 -12.73 1.37
N ALA A 51 -1.79 -12.45 0.09
CA ALA A 51 -2.85 -13.02 -0.72
C ALA A 51 -2.30 -14.36 -1.25
N THR A 52 -2.65 -15.48 -0.61
CA THR A 52 -2.06 -16.76 -1.08
C THR A 52 -3.20 -17.70 -1.41
N ASP A 53 -2.84 -18.89 -1.91
CA ASP A 53 -3.78 -20.02 -2.14
C ASP A 53 -4.47 -20.53 -0.88
N LYS A 54 -3.90 -20.24 0.30
CA LYS A 54 -4.56 -20.61 1.55
C LYS A 54 -5.87 -19.88 1.76
N ASP A 55 -6.18 -18.92 0.88
CA ASP A 55 -7.41 -18.14 1.01
C ASP A 55 -8.63 -18.88 0.49
N ILE A 56 -8.41 -19.95 -0.30
CA ILE A 56 -9.47 -20.76 -0.91
C ILE A 56 -9.42 -22.18 -0.31
N THR A 57 -10.51 -22.55 0.34
CA THR A 57 -10.82 -23.89 0.89
C THR A 57 -11.14 -24.91 -0.22
N GLY A 58 -10.92 -26.18 0.07
CA GLY A 58 -11.26 -27.24 -0.88
C GLY A 58 -10.16 -27.34 -1.90
N THR A 59 -10.50 -27.77 -3.10
CA THR A 59 -9.48 -27.86 -4.17
C THR A 59 -9.65 -26.68 -5.13
N LEU A 60 -8.52 -26.15 -5.62
CA LEU A 60 -8.47 -24.98 -6.53
C LEU A 60 -9.13 -25.26 -7.89
N SER A 61 -9.66 -24.22 -8.53
CA SER A 61 -10.31 -24.40 -9.84
C SER A 61 -9.32 -24.78 -10.94
N ASN A 62 -8.10 -24.24 -10.87
CA ASN A 62 -6.93 -24.70 -11.69
C ASN A 62 -5.65 -24.89 -10.86
N PRO A 63 -5.40 -26.13 -10.35
CA PRO A 63 -4.19 -26.40 -9.54
C PRO A 63 -2.91 -25.86 -10.20
N GLU A 64 -2.43 -26.56 -11.23
CA GLU A 64 -1.46 -26.05 -12.22
C GLU A 64 -0.91 -24.58 -12.04
N VAL A 65 -1.61 -23.59 -12.62
CA VAL A 65 -1.22 -22.16 -12.66
C VAL A 65 -2.13 -21.33 -11.75
N PHE A 66 -1.62 -20.94 -10.58
CA PHE A 66 -2.41 -20.18 -9.58
C PHE A 66 -2.59 -18.69 -9.90
N ASN A 67 -3.82 -18.33 -10.30
CA ASN A 67 -4.22 -16.94 -10.53
C ASN A 67 -5.05 -16.50 -9.34
N TYR A 68 -4.49 -15.63 -8.51
CA TYR A 68 -5.16 -15.19 -7.29
C TYR A 68 -6.52 -14.57 -7.52
N GLY A 69 -6.54 -13.67 -8.50
CA GLY A 69 -7.73 -13.04 -9.03
C GLY A 69 -8.86 -13.98 -9.42
N VAL A 70 -8.56 -14.95 -10.27
CA VAL A 70 -9.56 -15.92 -10.73
C VAL A 70 -10.00 -16.88 -9.65
N GLU A 71 -9.05 -17.46 -8.92
CA GLU A 71 -9.44 -18.37 -7.80
C GLU A 71 -10.33 -17.71 -6.75
N THR A 72 -10.05 -16.45 -6.38
CA THR A 72 -10.88 -15.82 -5.35
C THR A 72 -12.26 -15.44 -5.89
N HIS A 73 -12.32 -14.86 -7.09
CA HIS A 73 -13.61 -14.64 -7.74
C HIS A 73 -14.48 -15.93 -7.74
N GLU A 74 -13.87 -17.04 -8.12
CA GLU A 74 -14.59 -18.31 -8.24
C GLU A 74 -15.04 -18.76 -6.85
N ALA A 75 -14.11 -18.74 -5.92
CA ALA A 75 -14.38 -19.15 -4.56
C ALA A 75 -15.42 -18.27 -3.80
N TYR A 76 -15.54 -17.01 -4.20
CA TYR A 76 -16.62 -16.16 -3.70
C TYR A 76 -18.02 -16.72 -4.09
N LYS A 77 -18.21 -17.05 -5.37
CA LYS A 77 -19.41 -17.77 -5.86
C LYS A 77 -19.69 -19.10 -5.15
N GLN A 78 -18.68 -19.97 -5.10
CA GLN A 78 -18.81 -21.33 -4.56
C GLN A 78 -18.88 -21.33 -3.04
N ARG A 79 -18.85 -20.15 -2.44
CA ARG A 79 -18.85 -19.98 -1.00
C ARG A 79 -17.73 -20.75 -0.31
N SER A 80 -16.51 -20.72 -0.86
CA SER A 80 -15.40 -21.41 -0.16
C SER A 80 -14.11 -20.60 -0.01
N LEU A 81 -14.19 -19.42 0.60
CA LEU A 81 -13.03 -18.63 0.95
C LEU A 81 -12.70 -18.85 2.43
N ALA A 82 -11.47 -18.49 2.84
CA ALA A 82 -11.09 -18.64 4.22
C ALA A 82 -12.11 -17.90 5.07
N SER A 83 -12.51 -18.50 6.18
CA SER A 83 -13.44 -17.85 7.10
C SER A 83 -12.99 -16.45 7.54
N ASP A 84 -11.69 -16.22 7.72
CA ASP A 84 -11.23 -14.92 8.17
C ASP A 84 -11.70 -13.80 7.23
N ILE A 85 -11.61 -14.08 5.92
CA ILE A 85 -12.09 -13.21 4.83
C ILE A 85 -13.62 -13.02 4.79
N THR A 86 -14.38 -14.12 4.79
CA THR A 86 -15.84 -14.05 4.77
C THR A 86 -16.39 -13.44 6.04
N ASP A 87 -15.69 -13.60 7.15
CA ASP A 87 -16.05 -12.82 8.34
C ASP A 87 -15.96 -11.30 8.11
N GLU A 88 -14.90 -10.85 7.45
CA GLU A 88 -14.81 -9.44 7.20
C GLU A 88 -15.84 -9.05 6.16
N GLN A 89 -16.13 -9.96 5.23
CA GLN A 89 -17.06 -9.66 4.19
C GLN A 89 -18.46 -9.54 4.78
N LYS A 90 -18.73 -10.35 5.79
CA LYS A 90 -19.97 -10.24 6.55
C LYS A 90 -20.10 -8.83 7.14
N LYS A 91 -19.01 -8.33 7.78
CA LYS A 91 -19.08 -7.08 8.51
C LYS A 91 -19.20 -5.89 7.58
N VAL A 92 -18.61 -5.98 6.39
CA VAL A 92 -18.68 -4.88 5.43
C VAL A 92 -20.07 -4.81 4.79
N ARG A 93 -20.59 -5.98 4.40
CA ARG A 93 -21.97 -6.14 3.92
C ARG A 93 -22.96 -5.36 4.80
N GLU A 94 -23.01 -5.68 6.10
CA GLU A 94 -23.97 -5.09 7.05
C GLU A 94 -23.71 -3.62 7.38
N ALA A 95 -22.46 -3.15 7.20
CA ALA A 95 -22.08 -1.78 7.61
C ALA A 95 -22.70 -0.75 6.66
N ASP A 96 -22.99 0.46 7.16
CA ASP A 96 -23.47 1.61 6.35
C ASP A 96 -22.33 2.61 6.16
N LEU A 97 -21.40 2.60 7.11
CA LEU A 97 -20.21 3.46 7.10
C LEU A 97 -19.05 2.55 7.54
N VAL A 98 -17.96 2.50 6.75
CA VAL A 98 -16.72 1.81 7.12
C VAL A 98 -15.66 2.88 7.40
N ILE A 99 -15.17 2.90 8.61
CA ILE A 99 -14.11 3.88 8.92
C ILE A 99 -12.80 3.10 9.02
N PHE A 100 -11.76 3.58 8.34
CA PHE A 100 -10.39 3.10 8.51
C PHE A 100 -9.59 3.94 9.39
N GLN A 101 -9.02 3.31 10.39
CA GLN A 101 -8.20 4.09 11.30
C GLN A 101 -6.78 3.58 11.23
N PHE A 102 -5.87 4.47 10.81
CA PHE A 102 -4.45 4.02 10.64
C PHE A 102 -3.45 5.17 10.66
N PRO A 103 -2.23 4.84 11.15
CA PRO A 103 -1.14 5.68 10.91
C PRO A 103 -0.69 5.58 9.40
N LEU A 104 -0.34 6.73 8.80
CA LEU A 104 0.11 6.73 7.42
C LEU A 104 1.51 5.98 7.40
N TYR A 105 1.65 4.93 6.61
CA TYR A 105 3.00 4.25 6.46
C TYR A 105 3.47 4.43 5.01
N TRP A 106 4.49 5.26 4.76
CA TRP A 106 5.00 5.41 3.36
C TRP A 106 3.91 5.91 2.38
N PHE A 107 3.22 7.02 2.74
CA PHE A 107 2.13 7.60 1.90
C PHE A 107 0.98 6.65 1.62
N SER A 108 0.85 5.62 2.44
CA SER A 108 -0.20 4.63 2.23
C SER A 108 -0.59 4.00 3.61
N VAL A 109 -1.34 2.93 3.59
CA VAL A 109 -1.83 2.28 4.77
C VAL A 109 -0.79 1.26 5.20
N PRO A 110 -0.72 0.95 6.48
CA PRO A 110 0.16 -0.13 6.88
C PRO A 110 -0.09 -1.42 6.11
N ALA A 111 0.93 -2.26 5.94
CA ALA A 111 0.70 -3.55 5.14
C ALA A 111 -0.44 -4.49 5.56
N ILE A 112 -0.67 -4.58 6.86
CA ILE A 112 -1.70 -5.44 7.41
C ILE A 112 -3.04 -4.93 6.88
N LEU A 113 -3.17 -3.61 6.83
CA LEU A 113 -4.35 -3.00 6.26
C LEU A 113 -4.38 -3.13 4.74
N LYS A 114 -3.28 -2.93 4.02
CA LYS A 114 -3.28 -3.28 2.59
C LYS A 114 -3.74 -4.73 2.32
N GLY A 115 -3.35 -5.66 3.19
CA GLY A 115 -3.82 -7.12 3.09
C GLY A 115 -5.33 -7.26 3.28
N TRP A 116 -5.87 -6.46 4.16
CA TRP A 116 -7.34 -6.48 4.32
C TRP A 116 -8.04 -6.08 2.99
N MET A 117 -7.61 -4.98 2.37
CA MET A 117 -8.18 -4.55 1.06
C MET A 117 -7.96 -5.62 0.03
N ASP A 118 -6.71 -6.14 -0.03
CA ASP A 118 -6.39 -7.06 -1.10
C ASP A 118 -7.26 -8.27 -1.01
N ARG A 119 -7.45 -8.78 0.19
CA ARG A 119 -8.10 -10.05 0.38
C ARG A 119 -9.58 -9.98 0.65
N VAL A 120 -10.01 -8.94 1.32
CA VAL A 120 -11.44 -8.78 1.65
C VAL A 120 -12.23 -8.26 0.44
N LEU A 121 -11.68 -7.29 -0.26
CA LEU A 121 -12.43 -6.64 -1.31
C LEU A 121 -12.37 -7.39 -2.66
N CYS A 122 -12.78 -8.66 -2.68
CA CYS A 122 -12.59 -9.50 -3.85
C CYS A 122 -13.59 -9.28 -4.97
N GLN A 123 -13.27 -9.75 -6.17
CA GLN A 123 -14.22 -9.61 -7.26
C GLN A 123 -15.44 -10.47 -6.96
N GLY A 124 -16.63 -9.97 -7.36
CA GLY A 124 -17.89 -10.61 -7.03
C GLY A 124 -18.46 -10.15 -5.68
N PHE A 125 -17.61 -9.73 -4.76
CA PHE A 125 -18.13 -9.11 -3.56
C PHE A 125 -18.09 -7.58 -3.60
N ALA A 126 -16.99 -7.02 -4.05
CA ALA A 126 -16.85 -5.56 -3.94
C ALA A 126 -16.89 -4.92 -5.28
N PHE A 127 -16.69 -5.72 -6.34
CA PHE A 127 -16.76 -5.25 -7.73
C PHE A 127 -16.84 -6.43 -8.71
N ASP A 128 -17.37 -6.13 -9.90
CA ASP A 128 -17.28 -7.02 -11.05
C ASP A 128 -17.04 -6.14 -12.32
N ILE A 129 -16.92 -6.75 -13.52
CA ILE A 129 -16.70 -5.98 -14.75
C ILE A 129 -17.91 -5.12 -15.16
N PRO A 130 -19.10 -5.74 -15.24
CA PRO A 130 -20.25 -4.87 -14.96
C PRO A 130 -20.31 -4.57 -13.46
N GLY A 131 -19.67 -3.47 -13.03
CA GLY A 131 -19.91 -2.94 -11.71
C GLY A 131 -18.66 -2.47 -11.02
N PHE A 132 -18.26 -1.25 -11.34
CA PHE A 132 -17.15 -0.59 -10.66
C PHE A 132 -17.32 0.91 -10.73
N TYR A 133 -16.45 1.63 -10.03
CA TYR A 133 -16.64 3.04 -9.76
C TYR A 133 -18.09 3.24 -9.25
N ASP A 134 -18.89 4.09 -9.90
CA ASP A 134 -20.26 4.39 -9.41
C ASP A 134 -21.09 3.12 -9.38
N SER A 135 -20.84 2.20 -10.33
CA SER A 135 -21.49 0.87 -10.36
C SER A 135 -20.90 -0.20 -9.43
N GLY A 136 -19.89 0.16 -8.63
CA GLY A 136 -19.25 -0.79 -7.69
C GLY A 136 -20.27 -1.54 -6.87
N LEU A 137 -19.93 -2.73 -6.38
CA LEU A 137 -20.92 -3.58 -5.67
C LEU A 137 -21.12 -3.21 -4.20
N LEU A 138 -20.46 -2.16 -3.72
CA LEU A 138 -20.61 -1.71 -2.36
C LEU A 138 -21.29 -0.37 -2.36
N GLN A 139 -21.92 -0.03 -3.49
CA GLN A 139 -22.67 1.22 -3.54
C GLN A 139 -23.76 1.21 -2.46
N GLY A 140 -24.01 2.39 -1.93
CA GLY A 140 -24.84 2.51 -0.76
C GLY A 140 -23.97 3.05 0.33
N LYS A 141 -22.76 2.49 0.46
CA LYS A 141 -22.00 2.58 1.67
C LYS A 141 -21.14 3.81 1.61
N LEU A 142 -20.86 4.35 2.79
CA LEU A 142 -19.94 5.44 2.95
C LEU A 142 -18.61 4.88 3.43
N ALA A 143 -17.53 5.65 3.22
CA ALA A 143 -16.19 5.29 3.71
C ALA A 143 -15.55 6.56 4.12
N LEU A 144 -14.78 6.47 5.20
CA LEU A 144 -13.99 7.59 5.72
C LEU A 144 -12.61 7.08 6.06
N LEU A 145 -11.60 7.75 5.54
CA LEU A 145 -10.25 7.43 5.94
C LEU A 145 -9.93 8.27 7.15
N SER A 146 -9.57 7.66 8.27
CA SER A 146 -9.09 8.51 9.37
C SER A 146 -7.60 8.21 9.59
N VAL A 147 -6.73 9.17 9.27
CA VAL A 147 -5.33 8.86 9.19
C VAL A 147 -4.49 9.80 10.03
N THR A 148 -3.47 9.27 10.68
CA THR A 148 -2.48 10.12 11.35
C THR A 148 -1.13 10.09 10.61
N THR A 149 -0.30 11.12 10.82
CA THR A 149 0.94 11.29 10.12
C THR A 149 2.07 11.68 11.03
N GLY A 150 3.27 11.45 10.56
CA GLY A 150 4.47 11.97 11.17
C GLY A 150 4.69 13.38 10.65
N GLY A 151 4.53 13.61 9.34
CA GLY A 151 4.73 14.97 8.78
C GLY A 151 3.74 16.08 9.23
N THR A 152 4.27 17.30 9.37
CA THR A 152 3.46 18.48 9.72
C THR A 152 2.50 18.81 8.61
N ALA A 153 1.50 19.61 8.95
CA ALA A 153 0.54 20.06 7.95
C ALA A 153 1.25 20.84 6.81
N GLU A 154 2.17 21.72 7.16
CA GLU A 154 3.00 22.44 6.16
C GLU A 154 3.82 21.54 5.19
N MET A 155 4.29 20.36 5.64
CA MET A 155 5.07 19.49 4.76
C MET A 155 4.16 18.97 3.68
N TYR A 156 2.86 18.97 3.99
CA TYR A 156 1.81 18.43 3.13
C TYR A 156 0.95 19.49 2.40
N THR A 157 1.59 20.59 2.01
CA THR A 157 0.96 21.61 1.17
C THR A 157 1.49 21.44 -0.23
N LYS A 158 0.82 22.12 -1.18
CA LYS A 158 1.13 22.03 -2.61
C LYS A 158 2.57 22.43 -2.99
N THR A 159 3.31 23.04 -2.06
CA THR A 159 4.71 23.36 -2.34
C THR A 159 5.73 22.87 -1.29
N GLY A 160 5.24 22.31 -0.19
CA GLY A 160 6.08 21.58 0.77
C GLY A 160 6.71 20.30 0.22
N VAL A 161 7.65 19.78 0.99
CA VAL A 161 8.48 18.67 0.53
C VAL A 161 7.68 17.40 0.20
N ASN A 162 6.58 17.18 0.93
CA ASN A 162 5.77 15.97 0.68
C ASN A 162 4.74 16.10 -0.41
N GLY A 163 4.54 17.32 -0.89
CA GLY A 163 3.39 17.62 -1.78
C GLY A 163 2.03 17.60 -1.02
N ASP A 164 0.92 17.82 -1.72
CA ASP A 164 -0.31 18.01 -1.01
C ASP A 164 -0.81 16.65 -0.47
N SER A 165 -1.49 16.64 0.69
CA SER A 165 -2.04 15.39 1.25
C SER A 165 -3.05 14.72 0.37
N ARG A 166 -3.77 15.51 -0.42
CA ARG A 166 -4.70 14.94 -1.40
C ARG A 166 -4.06 13.98 -2.46
N TYR A 167 -2.81 14.24 -2.86
CA TYR A 167 -2.05 13.32 -3.76
C TYR A 167 -1.92 11.89 -3.24
N PHE A 168 -1.51 11.70 -1.98
CA PHE A 168 -1.49 10.31 -1.42
C PHE A 168 -2.85 9.61 -1.11
N LEU A 169 -3.91 10.41 -0.99
CA LEU A 169 -5.26 9.85 -0.90
C LEU A 169 -5.79 9.19 -2.16
N TRP A 170 -5.13 9.43 -3.29
CA TRP A 170 -5.72 9.05 -4.57
C TRP A 170 -5.85 7.56 -4.78
N PRO A 171 -4.83 6.75 -4.42
CA PRO A 171 -4.96 5.29 -4.58
C PRO A 171 -5.97 4.70 -3.63
N LEU A 172 -6.03 5.21 -2.42
CA LEU A 172 -7.03 4.72 -1.43
C LEU A 172 -8.50 5.09 -1.76
N GLN A 173 -8.74 6.38 -1.98
CA GLN A 173 -10.13 6.94 -2.03
C GLN A 173 -10.74 6.59 -3.36
N HIS A 174 -10.00 6.83 -4.44
CA HIS A 174 -10.49 6.59 -5.77
C HIS A 174 -10.12 5.19 -6.24
N GLY A 175 -8.83 4.84 -6.13
CA GLY A 175 -8.36 3.56 -6.66
C GLY A 175 -9.01 2.36 -6.00
N THR A 176 -9.22 2.47 -4.70
CA THR A 176 -9.84 1.42 -3.91
C THR A 176 -11.37 1.63 -3.57
N LEU A 177 -11.72 2.71 -2.87
CA LEU A 177 -13.05 2.86 -2.26
C LEU A 177 -14.09 3.20 -3.31
N HIS A 178 -13.91 4.29 -4.02
CA HIS A 178 -14.72 4.63 -5.20
C HIS A 178 -14.87 3.53 -6.22
N PHE A 179 -13.75 2.91 -6.59
CA PHE A 179 -13.78 1.67 -7.38
C PHE A 179 -14.79 0.69 -6.88
N CYS A 180 -14.90 0.52 -5.58
CA CYS A 180 -15.87 -0.48 -5.06
C CYS A 180 -17.29 0.06 -4.87
N GLY A 181 -17.49 1.32 -5.17
CA GLY A 181 -18.84 1.83 -5.11
C GLY A 181 -19.02 2.68 -3.87
N PHE A 182 -18.16 2.57 -2.87
CA PHE A 182 -18.29 3.53 -1.74
C PHE A 182 -18.47 4.97 -2.19
N LYS A 183 -19.22 5.75 -1.42
CA LYS A 183 -19.11 7.20 -1.52
C LYS A 183 -18.11 7.52 -0.43
N VAL A 184 -17.31 8.53 -0.67
CA VAL A 184 -16.23 8.82 0.17
C VAL A 184 -16.48 10.13 0.92
N LEU A 185 -16.37 10.09 2.25
CA LEU A 185 -16.43 11.30 3.06
C LEU A 185 -15.08 11.98 3.14
N ALA A 186 -15.06 13.27 3.41
CA ALA A 186 -13.78 13.98 3.53
C ALA A 186 -12.90 13.29 4.59
N PRO A 187 -11.61 13.09 4.31
CA PRO A 187 -10.76 12.35 5.21
C PRO A 187 -10.56 13.11 6.52
N GLN A 188 -10.31 12.41 7.62
CA GLN A 188 -9.89 13.06 8.84
C GLN A 188 -8.40 12.91 8.90
N ILE A 189 -7.67 14.00 8.84
CA ILE A 189 -6.25 13.90 8.89
C ILE A 189 -5.71 14.56 10.15
N SER A 190 -5.04 13.79 10.99
CA SER A 190 -4.45 14.36 12.16
C SER A 190 -2.97 14.43 11.92
N PHE A 191 -2.47 15.64 11.66
CA PHE A 191 -1.05 15.82 11.30
C PHE A 191 -0.18 15.82 12.53
N ALA A 192 0.88 15.02 12.48
CA ALA A 192 2.00 15.16 13.39
C ALA A 192 1.63 15.14 14.88
N PRO A 193 0.73 14.22 15.30
CA PRO A 193 0.37 14.29 16.72
C PRO A 193 1.59 14.17 17.66
N GLU A 194 2.63 13.49 17.21
CA GLU A 194 3.81 13.29 18.04
C GLU A 194 4.64 14.59 18.17
N ILE A 195 4.56 15.48 17.17
CA ILE A 195 5.09 16.87 17.26
C ILE A 195 4.15 17.85 17.98
N ALA A 196 2.85 17.73 17.71
CA ALA A 196 1.85 18.59 18.35
C ALA A 196 1.90 18.53 19.87
N SER A 197 1.56 19.63 20.53
CA SER A 197 1.53 19.70 21.98
C SER A 197 0.35 18.90 22.54
N GLU A 198 0.38 18.63 23.84
CA GLU A 198 -0.66 17.84 24.51
C GLU A 198 -2.07 18.43 24.32
N GLU A 199 -2.14 19.75 24.13
CA GLU A 199 -3.42 20.46 23.99
C GLU A 199 -3.91 20.42 22.56
N GLU A 200 -2.98 20.59 21.61
CA GLU A 200 -3.27 20.38 20.20
C GLU A 200 -3.83 18.97 20.05
N ARG A 201 -3.21 18.01 20.74
CA ARG A 201 -3.67 16.60 20.67
C ARG A 201 -5.10 16.43 21.23
N LYS A 202 -5.35 17.02 22.40
CA LYS A 202 -6.67 17.04 23.06
C LYS A 202 -7.71 17.65 22.13
N GLY A 203 -7.31 18.64 21.36
CA GLY A 203 -8.20 19.27 20.37
C GLY A 203 -8.45 18.50 19.09
N MET A 204 -7.49 17.68 18.67
CA MET A 204 -7.71 16.83 17.50
C MET A 204 -8.61 15.66 17.87
N VAL A 205 -8.58 15.21 19.13
CA VAL A 205 -9.54 14.17 19.56
C VAL A 205 -10.95 14.75 19.69
N ALA A 206 -11.05 15.99 20.13
CA ALA A 206 -12.34 16.66 20.30
C ALA A 206 -12.99 16.98 18.98
N ALA A 207 -12.16 17.41 18.00
CA ALA A 207 -12.66 17.70 16.65
C ALA A 207 -13.26 16.45 16.06
N TRP A 208 -12.61 15.34 16.36
CA TRP A 208 -12.99 14.05 15.74
C TRP A 208 -14.34 13.59 16.33
N SER A 209 -14.47 13.54 17.66
CA SER A 209 -15.79 13.21 18.32
C SER A 209 -16.84 14.18 17.84
N GLN A 210 -16.46 15.45 17.81
CA GLN A 210 -17.34 16.49 17.26
C GLN A 210 -17.79 16.16 15.82
N ARG A 211 -16.85 15.74 14.97
CA ARG A 211 -17.26 15.35 13.63
C ARG A 211 -18.17 14.10 13.64
N LEU A 212 -17.90 13.17 14.55
CA LEU A 212 -18.66 11.91 14.57
C LEU A 212 -20.11 12.09 14.96
N GLN A 213 -20.43 13.20 15.62
CA GLN A 213 -21.81 13.47 16.08
C GLN A 213 -22.73 13.94 14.97
N THR A 214 -22.13 14.50 13.92
CA THR A 214 -22.83 14.99 12.73
C THR A 214 -22.57 14.20 11.41
N ILE A 215 -21.97 12.99 11.49
CA ILE A 215 -21.42 12.37 10.24
C ILE A 215 -22.47 12.10 9.20
N TRP A 216 -23.66 11.73 9.67
CA TRP A 216 -24.77 11.27 8.82
C TRP A 216 -25.42 12.43 8.08
N LYS A 217 -25.05 13.65 8.45
CA LYS A 217 -25.45 14.84 7.68
C LYS A 217 -24.51 15.22 6.52
N GLU A 218 -23.35 14.58 6.43
CA GLU A 218 -22.28 15.07 5.52
C GLU A 218 -22.54 14.68 4.08
N GLU A 219 -22.12 15.54 3.16
CA GLU A 219 -22.14 15.19 1.74
C GLU A 219 -20.78 14.60 1.44
N PRO A 220 -20.74 13.51 0.63
CA PRO A 220 -19.50 12.87 0.24
C PRO A 220 -18.73 13.78 -0.72
N ILE A 221 -17.41 13.62 -0.77
CA ILE A 221 -16.59 14.33 -1.72
C ILE A 221 -16.96 13.99 -3.19
N PRO A 222 -16.66 14.90 -4.11
CA PRO A 222 -16.66 14.40 -5.50
C PRO A 222 -15.33 13.65 -5.68
N CYS A 223 -15.35 12.33 -5.87
CA CYS A 223 -14.07 11.62 -5.83
C CYS A 223 -13.42 11.62 -7.21
N THR A 224 -12.91 12.79 -7.57
CA THR A 224 -12.46 12.96 -8.93
C THR A 224 -11.01 13.29 -8.91
N ALA A 225 -10.41 13.28 -10.08
CA ALA A 225 -9.01 13.76 -10.24
C ALA A 225 -8.93 15.23 -9.92
N HIS A 226 -9.92 15.99 -10.38
CA HIS A 226 -9.86 17.45 -10.15
C HIS A 226 -9.90 17.79 -8.65
N TRP A 227 -10.59 16.97 -7.86
CA TRP A 227 -10.56 17.08 -6.42
C TRP A 227 -9.16 16.77 -5.89
N HIS A 228 -8.58 15.68 -6.33
CA HIS A 228 -7.28 15.28 -5.75
C HIS A 228 -6.05 16.12 -6.17
N PHE A 229 -6.05 16.53 -7.43
CA PHE A 229 -4.87 17.12 -8.11
C PHE A 229 -5.09 18.51 -8.65
N GLY A 230 -6.32 18.84 -9.04
CA GLY A 230 -6.62 20.13 -9.65
C GLY A 230 -6.54 21.27 -8.64
N GLN A 231 -7.01 22.44 -9.05
CA GLN A 231 -7.09 23.60 -8.14
C GLN A 231 -8.52 24.21 -8.11
N ALA B 2 34.62 -2.15 -12.23
CA ALA B 2 33.62 -2.43 -11.14
C ALA B 2 32.26 -2.96 -11.72
N GLY B 3 31.89 -4.19 -11.35
CA GLY B 3 30.67 -4.84 -11.83
C GLY B 3 29.44 -4.30 -11.11
N LYS B 4 28.28 -4.53 -11.71
CA LYS B 4 27.07 -3.97 -11.16
C LYS B 4 26.30 -5.01 -10.34
N LYS B 5 25.50 -4.54 -9.39
CA LYS B 5 24.74 -5.44 -8.51
C LYS B 5 23.27 -5.11 -8.56
N VAL B 6 22.50 -6.12 -8.83
CA VAL B 6 21.08 -5.93 -8.96
C VAL B 6 20.31 -6.74 -7.92
N LEU B 7 19.38 -6.07 -7.26
CA LEU B 7 18.44 -6.70 -6.35
C LEU B 7 17.08 -6.54 -6.97
N ILE B 8 16.45 -7.67 -7.25
CA ILE B 8 15.08 -7.64 -7.69
C ILE B 8 14.15 -8.04 -6.49
N VAL B 9 13.19 -7.20 -6.12
CA VAL B 9 12.25 -7.60 -5.06
C VAL B 9 11.01 -8.00 -5.87
N TYR B 10 10.73 -9.28 -5.77
CA TYR B 10 9.69 -9.90 -6.55
C TYR B 10 8.45 -10.37 -5.71
N ALA B 11 7.24 -10.04 -6.20
CA ALA B 11 6.01 -10.25 -5.43
C ALA B 11 4.90 -10.80 -6.27
N HIS B 12 5.01 -12.05 -6.61
CA HIS B 12 3.92 -12.76 -7.27
C HIS B 12 3.95 -14.24 -6.85
N GLN B 13 2.78 -14.86 -6.75
CA GLN B 13 2.60 -16.19 -6.20
C GLN B 13 3.01 -17.29 -7.14
N GLU B 14 2.96 -16.96 -8.45
CA GLU B 14 2.99 -17.90 -9.54
C GLU B 14 4.21 -17.67 -10.48
N PRO B 15 5.10 -18.67 -10.53
CA PRO B 15 6.36 -18.44 -11.28
C PRO B 15 6.06 -18.44 -12.80
N LYS B 16 4.93 -19.04 -13.19
CA LYS B 16 4.58 -19.14 -14.57
C LYS B 16 3.82 -17.92 -15.02
N SER B 17 3.65 -16.97 -14.13
CA SER B 17 2.86 -15.81 -14.45
C SER B 17 3.60 -14.88 -15.39
N PHE B 18 2.87 -13.91 -15.92
CA PHE B 18 3.48 -12.88 -16.71
C PHE B 18 4.54 -12.13 -15.87
N ASN B 19 4.26 -11.95 -14.56
CA ASN B 19 5.28 -11.26 -13.70
C ASN B 19 6.46 -12.21 -13.52
N GLY B 20 6.21 -13.51 -13.50
CA GLY B 20 7.30 -14.48 -13.36
C GLY B 20 8.18 -14.42 -14.60
N SER B 21 7.58 -14.12 -15.73
CA SER B 21 8.31 -14.08 -16.97
C SER B 21 9.20 -12.87 -17.07
N LEU B 22 8.74 -11.72 -16.57
CA LEU B 22 9.48 -10.49 -16.70
C LEU B 22 10.61 -10.51 -15.69
N LYS B 23 10.36 -11.21 -14.58
CA LYS B 23 11.40 -11.47 -13.59
C LYS B 23 12.53 -12.37 -14.17
N ASN B 24 12.18 -13.48 -14.80
CA ASN B 24 13.15 -14.40 -15.41
C ASN B 24 13.96 -13.77 -16.53
N VAL B 25 13.33 -12.83 -17.21
CA VAL B 25 13.95 -12.19 -18.33
C VAL B 25 14.84 -11.03 -17.88
N ALA B 26 14.62 -10.54 -16.68
CA ALA B 26 15.52 -9.53 -16.14
C ALA B 26 16.76 -10.21 -15.55
N VAL B 27 16.57 -11.42 -15.05
CA VAL B 27 17.66 -12.18 -14.44
C VAL B 27 18.57 -12.69 -15.55
N ASP B 28 17.95 -13.29 -16.56
CA ASP B 28 18.62 -13.58 -17.81
C ASP B 28 19.43 -12.44 -18.44
N GLU B 29 18.81 -11.31 -18.76
CA GLU B 29 19.49 -10.22 -19.47
C GLU B 29 20.58 -9.65 -18.61
N LEU B 30 20.33 -9.59 -17.31
CA LEU B 30 21.30 -9.00 -16.37
C LEU B 30 22.52 -9.95 -16.13
N SER B 31 22.25 -11.21 -15.78
CA SER B 31 23.19 -12.32 -15.70
C SER B 31 24.16 -12.42 -16.89
N ARG B 32 23.59 -12.40 -18.10
CA ARG B 32 24.31 -12.27 -19.35
C ARG B 32 25.34 -11.10 -19.35
N GLN B 33 24.93 -9.92 -18.92
CA GLN B 33 25.78 -8.73 -19.02
C GLN B 33 26.92 -8.77 -18.02
N GLY B 34 26.97 -9.85 -17.22
CA GLY B 34 27.89 -10.00 -16.08
C GLY B 34 27.52 -9.27 -14.78
N CYS B 35 26.25 -8.94 -14.60
CA CYS B 35 25.75 -8.41 -13.30
C CYS B 35 25.62 -9.49 -12.23
N THR B 36 25.92 -9.12 -11.02
CA THR B 36 25.67 -9.94 -9.90
C THR B 36 24.15 -9.78 -9.56
N VAL B 37 23.34 -10.84 -9.68
CA VAL B 37 21.91 -10.74 -9.40
C VAL B 37 21.36 -11.51 -8.18
N THR B 38 20.39 -10.92 -7.49
CA THR B 38 19.78 -11.50 -6.30
C THR B 38 18.32 -11.17 -6.38
N VAL B 39 17.46 -12.19 -6.17
CA VAL B 39 16.02 -12.06 -6.24
C VAL B 39 15.51 -12.36 -4.85
N SER B 40 14.69 -11.44 -4.37
CA SER B 40 13.87 -11.61 -3.19
C SER B 40 12.47 -11.93 -3.61
N ASP B 41 12.16 -13.22 -3.45
CA ASP B 41 10.88 -13.79 -3.87
C ASP B 41 10.02 -13.91 -2.63
N LEU B 42 9.20 -12.89 -2.41
CA LEU B 42 8.61 -12.67 -1.09
C LEU B 42 7.66 -13.76 -0.75
N TYR B 43 6.80 -14.11 -1.69
CA TYR B 43 5.91 -15.20 -1.45
C TYR B 43 6.71 -16.46 -1.15
N ALA B 44 7.68 -16.84 -1.97
CA ALA B 44 8.30 -18.12 -1.74
C ALA B 44 8.97 -18.11 -0.39
N MET B 45 9.51 -16.96 0.03
CA MET B 45 10.19 -16.82 1.33
C MET B 45 9.23 -16.77 2.52
N ASN B 46 7.94 -16.72 2.21
CA ASN B 46 6.91 -16.33 3.17
C ASN B 46 7.25 -15.12 3.95
N PHE B 47 7.72 -14.10 3.24
CA PHE B 47 8.13 -12.92 3.93
C PHE B 47 7.05 -12.38 4.89
N GLU B 48 7.44 -12.01 6.11
CA GLU B 48 6.50 -11.43 7.10
C GLU B 48 6.15 -9.96 6.82
N PRO B 49 4.86 -9.68 6.53
CA PRO B 49 4.45 -8.29 6.25
C PRO B 49 4.07 -7.36 7.38
N ARG B 50 3.55 -7.89 8.51
CA ARG B 50 3.10 -7.06 9.64
C ARG B 50 4.25 -6.39 10.34
N ALA B 51 4.03 -5.16 10.79
CA ALA B 51 5.05 -4.46 11.52
C ALA B 51 4.72 -4.68 13.01
N THR B 52 5.44 -5.57 13.70
CA THR B 52 5.11 -5.87 15.12
C THR B 52 6.36 -5.88 15.95
N ASP B 53 6.20 -6.13 17.27
CA ASP B 53 7.33 -6.03 18.27
C ASP B 53 8.31 -7.19 18.24
N LYS B 54 7.87 -8.28 17.64
CA LYS B 54 8.72 -9.33 17.20
C LYS B 54 9.85 -8.90 16.27
N ASP B 55 9.76 -7.71 15.66
CA ASP B 55 10.81 -7.25 14.77
C ASP B 55 12.06 -6.82 15.51
N ILE B 56 11.97 -6.90 16.84
CA ILE B 56 13.01 -6.38 17.73
C ILE B 56 13.41 -7.38 18.82
N THR B 57 14.73 -7.56 18.97
CA THR B 57 15.30 -8.56 19.90
C THR B 57 15.70 -8.05 21.31
N GLY B 58 16.15 -6.80 21.42
CA GLY B 58 16.60 -6.31 22.73
C GLY B 58 15.52 -5.87 23.71
N THR B 59 15.96 -5.25 24.82
CA THR B 59 15.07 -4.56 25.75
C THR B 59 14.36 -3.51 24.92
N LEU B 60 13.07 -3.29 25.17
CA LEU B 60 12.40 -2.18 24.51
C LEU B 60 12.79 -0.91 25.24
N SER B 61 12.90 0.17 24.47
CA SER B 61 13.06 1.56 24.93
C SER B 61 12.00 2.00 25.98
N ASN B 62 10.74 1.77 25.63
CA ASN B 62 9.57 2.00 26.47
C ASN B 62 8.70 0.73 26.30
N PRO B 63 8.86 -0.24 27.22
CA PRO B 63 8.18 -1.57 27.14
C PRO B 63 6.67 -1.52 27.29
N GLU B 64 6.14 -0.50 27.97
CA GLU B 64 4.70 -0.39 28.28
C GLU B 64 3.85 0.23 27.15
N VAL B 65 4.40 1.22 26.43
CA VAL B 65 3.78 1.73 25.19
C VAL B 65 4.64 1.45 23.94
N PHE B 66 4.24 0.47 23.14
CA PHE B 66 4.98 0.11 21.94
C PHE B 66 4.78 1.10 20.81
N ASN B 67 5.86 1.46 20.16
CA ASN B 67 5.88 2.44 19.10
C ASN B 67 6.88 1.90 18.02
N TYR B 68 6.36 1.38 16.93
CA TYR B 68 7.20 0.71 15.93
C TYR B 68 8.34 1.56 15.38
N GLY B 69 8.04 2.79 14.99
CA GLY B 69 9.03 3.72 14.46
C GLY B 69 10.22 3.90 15.38
N VAL B 70 9.91 4.06 16.68
CA VAL B 70 10.91 4.36 17.72
C VAL B 70 11.74 3.12 18.05
N GLU B 71 11.08 1.98 18.22
CA GLU B 71 11.79 0.76 18.58
C GLU B 71 12.65 0.30 17.43
N THR B 72 12.12 0.20 16.21
CA THR B 72 12.98 -0.22 15.10
C THR B 72 14.20 0.70 14.90
N HIS B 73 14.02 2.01 14.99
CA HIS B 73 15.13 2.92 14.80
C HIS B 73 16.18 2.60 15.87
N GLU B 74 15.75 2.61 17.13
CA GLU B 74 16.61 2.17 18.25
C GLU B 74 17.25 0.76 18.05
N ALA B 75 16.47 -0.25 17.64
CA ALA B 75 17.02 -1.59 17.32
C ALA B 75 18.06 -1.66 16.18
N TYR B 76 17.98 -0.72 15.24
CA TYR B 76 18.84 -0.70 14.09
C TYR B 76 20.20 -0.33 14.59
N LYS B 77 20.22 0.77 15.31
CA LYS B 77 21.42 1.25 15.97
C LYS B 77 22.11 0.22 16.87
N GLN B 78 21.36 -0.53 17.69
CA GLN B 78 21.92 -1.56 18.61
C GLN B 78 22.22 -2.92 17.96
N ARG B 79 21.86 -3.03 16.68
CA ARG B 79 22.02 -4.24 15.88
C ARG B 79 21.18 -5.38 16.42
N SER B 80 19.93 -5.08 16.65
CA SER B 80 19.01 -6.02 17.25
C SER B 80 17.68 -6.14 16.48
N LEU B 81 17.71 -5.90 15.18
CA LEU B 81 16.53 -6.15 14.36
C LEU B 81 16.37 -7.62 14.09
N ALA B 82 15.14 -8.10 13.78
CA ALA B 82 14.96 -9.50 13.33
C ALA B 82 15.91 -9.78 12.14
N SER B 83 16.60 -10.92 12.17
CA SER B 83 17.57 -11.23 11.12
C SER B 83 16.94 -11.18 9.73
N ASP B 84 15.65 -11.52 9.62
CA ASP B 84 14.97 -11.42 8.34
C ASP B 84 15.02 -9.99 7.80
N ILE B 85 14.96 -8.99 8.68
CA ILE B 85 15.06 -7.61 8.23
C ILE B 85 16.47 -7.31 7.81
N THR B 86 17.40 -7.47 8.76
CA THR B 86 18.80 -7.26 8.50
C THR B 86 19.31 -8.02 7.23
N ASP B 87 18.76 -9.20 6.88
CA ASP B 87 19.15 -9.84 5.60
C ASP B 87 18.73 -9.02 4.42
N GLU B 88 17.52 -8.47 4.42
CA GLU B 88 17.09 -7.56 3.35
C GLU B 88 17.95 -6.33 3.26
N GLN B 89 18.31 -5.80 4.41
CA GLN B 89 19.05 -4.61 4.37
C GLN B 89 20.43 -4.86 3.75
N LYS B 90 20.96 -6.08 3.92
CA LYS B 90 22.25 -6.43 3.30
C LYS B 90 22.10 -6.41 1.78
N LYS B 91 21.02 -6.98 1.25
CA LYS B 91 20.78 -7.01 -0.19
C LYS B 91 20.65 -5.60 -0.76
N VAL B 92 19.93 -4.72 -0.07
CA VAL B 92 19.75 -3.36 -0.54
C VAL B 92 21.06 -2.56 -0.48
N ARG B 93 21.82 -2.73 0.59
CA ARG B 93 23.08 -2.00 0.77
C ARG B 93 24.09 -2.28 -0.35
N GLU B 94 24.16 -3.52 -0.85
CA GLU B 94 25.07 -3.91 -1.89
C GLU B 94 24.49 -3.71 -3.32
N ALA B 95 23.18 -3.51 -3.44
CA ALA B 95 22.64 -3.27 -4.77
C ALA B 95 23.02 -1.86 -5.23
N ASP B 96 23.33 -1.79 -6.49
CA ASP B 96 23.48 -0.57 -7.19
C ASP B 96 22.13 -0.25 -7.78
N LEU B 97 21.43 -1.29 -8.22
CA LEU B 97 20.09 -1.07 -8.59
C LEU B 97 19.11 -2.08 -7.92
N VAL B 98 17.91 -1.58 -7.54
CA VAL B 98 16.81 -2.40 -6.97
C VAL B 98 15.62 -2.29 -7.89
N ILE B 99 15.22 -3.43 -8.42
CA ILE B 99 14.05 -3.52 -9.26
C ILE B 99 12.88 -4.15 -8.49
N PHE B 100 11.69 -3.53 -8.55
CA PHE B 100 10.47 -4.05 -7.95
C PHE B 100 9.60 -4.62 -9.02
N GLN B 101 9.27 -5.86 -8.82
CA GLN B 101 8.50 -6.54 -9.80
C GLN B 101 7.24 -7.02 -9.16
N PHE B 102 6.11 -6.44 -9.58
CA PHE B 102 4.83 -6.67 -8.94
C PHE B 102 3.68 -6.29 -9.81
N PRO B 103 2.58 -7.06 -9.67
CA PRO B 103 1.30 -6.69 -10.20
C PRO B 103 0.64 -5.59 -9.34
N LEU B 104 0.12 -4.56 -9.96
CA LEU B 104 -0.60 -3.50 -9.23
C LEU B 104 -1.82 -4.09 -8.46
N TYR B 105 -1.89 -3.88 -7.14
CA TYR B 105 -3.09 -4.28 -6.37
C TYR B 105 -3.66 -3.04 -5.80
N TRP B 106 -4.87 -2.69 -6.21
CA TRP B 106 -5.50 -1.47 -5.63
C TRP B 106 -4.63 -0.23 -5.78
N PHE B 107 -4.21 0.02 -7.02
CA PHE B 107 -3.37 1.23 -7.34
C PHE B 107 -2.06 1.31 -6.59
N SER B 108 -1.62 0.17 -6.04
CA SER B 108 -0.42 0.14 -5.21
C SER B 108 0.27 -1.25 -5.28
N VAL B 109 1.13 -1.53 -4.31
CA VAL B 109 1.85 -2.79 -4.24
C VAL B 109 1.10 -3.79 -3.41
N PRO B 110 1.21 -5.09 -3.74
CA PRO B 110 0.60 -6.10 -2.93
C PRO B 110 1.10 -5.98 -1.50
N ALA B 111 0.30 -6.45 -0.55
CA ALA B 111 0.61 -6.18 0.91
C ALA B 111 1.97 -6.70 1.37
N ILE B 112 2.31 -7.89 0.91
CA ILE B 112 3.61 -8.53 1.18
C ILE B 112 4.77 -7.60 0.82
N LEU B 113 4.67 -6.93 -0.33
CA LEU B 113 5.64 -5.90 -0.74
C LEU B 113 5.54 -4.60 0.06
N LYS B 114 4.32 -4.13 0.41
CA LYS B 114 4.18 -2.97 1.36
C LYS B 114 4.93 -3.33 2.64
N GLY B 115 4.78 -4.57 3.05
CA GLY B 115 5.43 -5.12 4.23
C GLY B 115 6.91 -5.01 4.14
N TRP B 116 7.46 -5.51 3.05
CA TRP B 116 8.91 -5.36 2.85
C TRP B 116 9.34 -3.88 3.05
N MET B 117 8.72 -2.97 2.30
CA MET B 117 9.00 -1.53 2.52
C MET B 117 8.79 -1.06 3.94
N ASP B 118 7.69 -1.46 4.58
CA ASP B 118 7.43 -0.97 5.96
C ASP B 118 8.50 -1.43 6.90
N ARG B 119 8.95 -2.66 6.73
CA ARG B 119 9.90 -3.29 7.62
C ARG B 119 11.38 -3.15 7.26
N VAL B 120 11.73 -3.10 5.99
CA VAL B 120 13.15 -3.09 5.63
C VAL B 120 13.72 -1.69 5.73
N LEU B 121 12.92 -0.70 5.33
CA LEU B 121 13.41 0.66 5.13
C LEU B 121 13.24 1.45 6.40
N CYS B 122 13.92 1.03 7.47
CA CYS B 122 13.69 1.65 8.76
C CYS B 122 14.51 2.92 8.90
N GLN B 123 14.20 3.71 9.92
CA GLN B 123 14.99 4.86 10.26
C GLN B 123 16.37 4.41 10.70
N GLY B 124 17.38 5.13 10.22
CA GLY B 124 18.79 4.81 10.50
C GLY B 124 19.42 4.04 9.33
N PHE B 125 18.60 3.27 8.63
CA PHE B 125 19.10 2.51 7.50
C PHE B 125 18.89 3.23 6.21
N ALA B 126 17.67 3.70 6.03
CA ALA B 126 17.16 4.13 4.74
C ALA B 126 16.94 5.64 4.71
N PHE B 127 16.74 6.22 5.87
CA PHE B 127 16.57 7.64 6.00
C PHE B 127 16.82 7.96 7.49
N ASP B 128 16.89 9.25 7.75
CA ASP B 128 17.04 9.82 9.07
C ASP B 128 16.39 11.22 9.07
N ILE B 129 16.13 11.75 10.27
CA ILE B 129 15.56 13.08 10.41
C ILE B 129 16.58 13.93 11.17
N PRO B 130 17.36 14.77 10.46
CA PRO B 130 17.29 15.06 9.02
C PRO B 130 17.99 13.97 8.28
N GLY B 131 17.66 13.79 7.00
CA GLY B 131 18.30 12.78 6.18
C GLY B 131 17.33 12.03 5.30
N PHE B 132 16.66 12.77 4.44
CA PHE B 132 15.61 12.20 3.62
C PHE B 132 15.49 13.00 2.36
N TYR B 133 14.69 12.55 1.42
CA TYR B 133 14.73 13.09 0.05
C TYR B 133 16.15 13.19 -0.54
N ASP B 134 16.58 14.37 -0.99
CA ASP B 134 17.87 14.40 -1.69
C ASP B 134 19.02 13.90 -0.79
N SER B 135 18.80 13.98 0.52
CA SER B 135 19.76 13.50 1.56
C SER B 135 19.43 12.16 2.23
N GLY B 136 18.64 11.29 1.61
CA GLY B 136 18.29 10.02 2.24
C GLY B 136 19.54 9.15 2.24
N LEU B 137 19.52 8.07 3.03
CA LEU B 137 20.75 7.32 3.30
C LEU B 137 21.06 6.32 2.21
N LEU B 138 20.10 6.06 1.35
CA LEU B 138 20.37 5.12 0.29
C LEU B 138 20.70 5.92 -0.99
N GLN B 139 21.17 7.17 -0.83
CA GLN B 139 21.63 7.90 -2.03
C GLN B 139 22.86 7.27 -2.72
N GLY B 140 22.89 7.29 -4.06
CA GLY B 140 23.90 6.53 -4.85
C GLY B 140 23.23 5.33 -5.50
N LYS B 141 22.01 5.03 -5.09
CA LYS B 141 21.30 3.85 -5.57
C LYS B 141 20.21 4.23 -6.56
N LEU B 142 19.90 3.34 -7.49
CA LEU B 142 18.79 3.55 -8.43
C LEU B 142 17.67 2.58 -8.09
N ALA B 143 16.43 2.95 -8.42
CA ALA B 143 15.28 2.04 -8.30
C ALA B 143 14.42 2.05 -9.52
N LEU B 144 13.72 0.97 -9.73
CA LEU B 144 12.83 0.95 -10.82
C LEU B 144 11.63 0.04 -10.50
N LEU B 145 10.44 0.54 -10.81
CA LEU B 145 9.27 -0.29 -10.65
C LEU B 145 8.90 -0.92 -11.98
N SER B 146 8.70 -2.22 -11.98
CA SER B 146 8.16 -2.90 -13.13
C SER B 146 6.81 -3.45 -12.68
N VAL B 147 5.76 -2.86 -13.25
CA VAL B 147 4.40 -3.02 -12.77
C VAL B 147 3.56 -3.63 -13.86
N THR B 148 2.85 -4.68 -13.52
CA THR B 148 1.77 -5.18 -14.37
C THR B 148 0.35 -4.77 -13.86
N THR B 149 -0.51 -4.33 -14.77
CA THR B 149 -1.82 -3.90 -14.43
C THR B 149 -2.87 -4.68 -15.21
N GLY B 150 -4.07 -4.75 -14.61
CA GLY B 150 -5.32 -5.20 -15.27
C GLY B 150 -5.93 -4.15 -16.22
N GLY B 151 -5.94 -2.89 -15.82
CA GLY B 151 -6.31 -1.83 -16.75
C GLY B 151 -5.41 -1.58 -17.98
N THR B 152 -6.06 -1.15 -19.07
CA THR B 152 -5.37 -0.80 -20.33
C THR B 152 -4.72 0.54 -20.18
N ALA B 153 -3.80 0.79 -21.12
CA ALA B 153 -3.22 2.10 -21.39
C ALA B 153 -4.28 3.20 -21.38
N GLU B 154 -5.40 2.95 -22.05
CA GLU B 154 -6.47 3.96 -22.16
C GLU B 154 -7.20 4.31 -20.86
N MET B 155 -7.70 3.30 -20.16
CA MET B 155 -8.22 3.50 -18.81
C MET B 155 -7.27 4.41 -18.02
N TYR B 156 -5.96 4.14 -18.12
CA TYR B 156 -4.92 4.94 -17.42
C TYR B 156 -4.43 6.24 -18.12
N THR B 157 -5.37 7.05 -18.58
CA THR B 157 -5.00 8.38 -19.07
C THR B 157 -5.72 9.40 -18.21
N LYS B 158 -5.27 10.67 -18.24
CA LYS B 158 -5.96 11.76 -17.52
C LYS B 158 -7.45 11.81 -17.82
N THR B 159 -7.87 11.20 -18.95
CA THR B 159 -9.27 11.24 -19.39
C THR B 159 -10.01 9.86 -19.16
N GLY B 160 -9.26 8.76 -19.13
CA GLY B 160 -9.82 7.46 -18.78
C GLY B 160 -10.27 7.35 -17.32
N VAL B 161 -10.84 6.20 -17.01
CA VAL B 161 -11.58 5.94 -15.80
C VAL B 161 -10.64 5.90 -14.55
N ASN B 162 -9.40 5.47 -14.78
CA ASN B 162 -8.40 5.43 -13.72
C ASN B 162 -7.53 6.67 -13.55
N GLY B 163 -7.68 7.68 -14.39
CA GLY B 163 -6.69 8.83 -14.31
C GLY B 163 -5.28 8.42 -14.79
N ASP B 164 -4.38 9.38 -14.95
CA ASP B 164 -3.04 9.03 -15.47
C ASP B 164 -2.25 8.01 -14.61
N SER B 165 -1.40 7.17 -15.24
CA SER B 165 -0.61 6.18 -14.50
C SER B 165 0.39 6.82 -13.53
N ARG B 166 0.84 8.03 -13.85
CA ARG B 166 1.75 8.73 -12.95
C ARG B 166 1.12 9.08 -11.59
N TYR B 167 -0.18 9.31 -11.59
CA TYR B 167 -0.92 9.50 -10.33
C TYR B 167 -0.69 8.44 -9.27
N PHE B 168 -0.78 7.15 -9.59
CA PHE B 168 -0.54 6.14 -8.56
C PHE B 168 0.93 5.83 -8.21
N LEU B 169 1.86 6.36 -9.01
CA LEU B 169 3.26 6.09 -8.82
C LEU B 169 3.78 6.94 -7.72
N TRP B 170 3.08 8.06 -7.42
CA TRP B 170 3.50 9.10 -6.44
C TRP B 170 3.89 8.57 -5.06
N PRO B 171 3.02 7.78 -4.39
CA PRO B 171 3.43 7.21 -3.11
C PRO B 171 4.65 6.37 -3.15
N LEU B 172 4.78 5.56 -4.19
CA LEU B 172 5.89 4.63 -4.35
C LEU B 172 7.23 5.33 -4.72
N GLN B 173 7.20 6.10 -5.82
CA GLN B 173 8.38 6.67 -6.39
C GLN B 173 8.84 7.85 -5.53
N HIS B 174 7.95 8.78 -5.17
CA HIS B 174 8.37 9.95 -4.35
C HIS B 174 8.29 9.60 -2.90
N GLY B 175 7.14 9.14 -2.49
CA GLY B 175 6.90 9.04 -1.04
C GLY B 175 7.75 8.01 -0.35
N THR B 176 8.13 6.94 -1.06
CA THR B 176 8.97 5.87 -0.51
C THR B 176 10.45 5.93 -0.97
N LEU B 177 10.67 5.72 -2.27
CA LEU B 177 12.00 5.52 -2.87
C LEU B 177 12.81 6.84 -2.85
N HIS B 178 12.24 7.88 -3.47
CA HIS B 178 12.80 9.20 -3.36
C HIS B 178 13.04 9.68 -1.90
N PHE B 179 12.04 9.57 -1.04
CA PHE B 179 12.27 9.82 0.39
C PHE B 179 13.56 9.16 0.95
N CYS B 180 13.82 7.91 0.57
CA CYS B 180 14.99 7.18 1.03
C CYS B 180 16.30 7.47 0.29
N GLY B 181 16.26 8.32 -0.74
CA GLY B 181 17.50 8.69 -1.44
C GLY B 181 17.76 8.00 -2.77
N PHE B 182 16.99 6.97 -3.11
CA PHE B 182 17.02 6.49 -4.44
C PHE B 182 16.74 7.58 -5.48
N LYS B 183 17.40 7.44 -6.62
CA LYS B 183 17.04 8.07 -7.82
C LYS B 183 16.23 7.01 -8.51
N VAL B 184 15.26 7.45 -9.28
CA VAL B 184 14.23 6.62 -9.78
C VAL B 184 14.33 6.63 -11.32
N LEU B 185 14.51 5.48 -11.95
CA LEU B 185 14.49 5.42 -13.41
C LEU B 185 13.03 5.45 -13.85
N ALA B 186 12.78 5.60 -15.15
CA ALA B 186 11.41 5.56 -15.61
C ALA B 186 10.80 4.17 -15.30
N PRO B 187 9.52 4.12 -14.88
CA PRO B 187 8.90 2.83 -14.53
C PRO B 187 8.68 2.01 -15.76
N GLN B 188 8.62 0.68 -15.62
CA GLN B 188 8.25 -0.19 -16.72
C GLN B 188 6.85 -0.70 -16.42
N ILE B 189 5.87 -0.21 -17.19
CA ILE B 189 4.51 -0.59 -16.94
C ILE B 189 3.95 -1.38 -18.10
N SER B 190 3.57 -2.60 -17.80
CA SER B 190 3.06 -3.49 -18.83
C SER B 190 1.56 -3.57 -18.66
N PHE B 191 0.81 -2.88 -19.54
CA PHE B 191 -0.66 -2.83 -19.40
C PHE B 191 -1.42 -4.08 -19.80
N ALA B 192 -2.33 -4.49 -18.93
CA ALA B 192 -3.30 -5.51 -19.28
C ALA B 192 -2.67 -6.66 -20.11
N PRO B 193 -1.74 -7.45 -19.51
CA PRO B 193 -1.23 -8.68 -20.10
C PRO B 193 -2.30 -9.75 -20.34
N GLU B 194 -3.30 -9.84 -19.48
CA GLU B 194 -4.33 -10.91 -19.59
C GLU B 194 -5.28 -10.60 -20.76
N ILE B 195 -5.47 -9.31 -21.02
CA ILE B 195 -6.31 -8.83 -22.14
C ILE B 195 -5.48 -8.71 -23.45
N ALA B 196 -4.20 -8.45 -23.33
CA ALA B 196 -3.30 -8.55 -24.49
C ALA B 196 -3.39 -9.90 -25.23
N SER B 197 -3.08 -9.90 -26.52
CA SER B 197 -2.90 -11.14 -27.29
C SER B 197 -1.51 -11.79 -27.06
N GLU B 198 -1.46 -13.12 -27.24
CA GLU B 198 -0.23 -13.91 -27.04
C GLU B 198 1.08 -13.24 -27.54
N GLU B 199 1.01 -12.58 -28.71
CA GLU B 199 2.19 -11.96 -29.31
C GLU B 199 2.51 -10.58 -28.74
N GLU B 200 1.49 -9.75 -28.49
CA GLU B 200 1.70 -8.48 -27.79
C GLU B 200 2.34 -8.68 -26.40
N ARG B 201 1.94 -9.74 -25.70
CA ARG B 201 2.56 -10.28 -24.46
C ARG B 201 4.05 -10.58 -24.59
N LYS B 202 4.41 -11.44 -25.53
CA LYS B 202 5.83 -11.68 -25.83
C LYS B 202 6.55 -10.39 -26.17
N GLY B 203 5.87 -9.49 -26.88
CA GLY B 203 6.46 -8.20 -27.24
C GLY B 203 6.76 -7.37 -26.01
N MET B 204 5.82 -7.34 -25.06
CA MET B 204 6.00 -6.59 -23.80
C MET B 204 7.20 -7.12 -23.03
N VAL B 205 7.38 -8.44 -23.04
CA VAL B 205 8.47 -9.10 -22.33
C VAL B 205 9.79 -8.71 -23.02
N ALA B 206 9.75 -8.78 -24.36
CA ALA B 206 10.86 -8.47 -25.25
C ALA B 206 11.29 -7.05 -25.09
N ALA B 207 10.29 -6.15 -24.99
CA ALA B 207 10.57 -4.71 -24.83
C ALA B 207 11.24 -4.40 -23.49
N TRP B 208 10.93 -5.20 -22.45
CA TRP B 208 11.62 -5.16 -21.13
C TRP B 208 13.07 -5.71 -21.21
N SER B 209 13.30 -6.84 -21.89
CA SER B 209 14.69 -7.35 -22.17
C SER B 209 15.49 -6.34 -22.95
N GLN B 210 14.89 -5.81 -24.00
CA GLN B 210 15.55 -4.79 -24.84
C GLN B 210 15.91 -3.59 -23.95
N ARG B 211 15.00 -3.20 -23.07
CA ARG B 211 15.28 -2.04 -22.21
C ARG B 211 16.42 -2.25 -21.24
N LEU B 212 16.52 -3.46 -20.69
CA LEU B 212 17.54 -3.76 -19.68
C LEU B 212 18.95 -3.77 -20.30
N GLN B 213 19.04 -4.08 -21.61
CA GLN B 213 20.35 -4.10 -22.36
C GLN B 213 21.03 -2.76 -22.25
N THR B 214 20.27 -1.69 -21.98
CA THR B 214 20.84 -0.35 -21.94
C THR B 214 20.59 0.44 -20.65
N ILE B 215 20.15 -0.27 -19.60
CA ILE B 215 19.74 0.31 -18.31
C ILE B 215 20.87 1.02 -17.55
N TRP B 216 22.12 0.60 -17.76
CA TRP B 216 23.25 1.27 -17.08
C TRP B 216 23.53 2.63 -17.75
N LYS B 217 22.96 2.84 -18.93
CA LYS B 217 23.06 4.14 -19.62
C LYS B 217 21.93 5.20 -19.26
N GLU B 218 20.72 4.72 -18.93
CA GLU B 218 19.56 5.59 -18.55
C GLU B 218 19.82 6.56 -17.41
N GLU B 219 19.20 7.73 -17.51
CA GLU B 219 19.26 8.75 -16.48
C GLU B 219 17.96 8.77 -15.70
N PRO B 220 18.00 9.10 -14.38
CA PRO B 220 16.88 9.21 -13.43
C PRO B 220 15.79 10.20 -13.87
N ILE B 221 14.49 9.85 -13.75
CA ILE B 221 13.39 10.83 -13.89
C ILE B 221 13.60 11.99 -12.88
N PRO B 222 13.02 13.18 -13.17
CA PRO B 222 12.98 14.16 -12.09
C PRO B 222 11.80 13.75 -11.19
N CYS B 223 12.05 13.44 -9.93
CA CYS B 223 10.96 12.87 -9.13
C CYS B 223 10.24 13.97 -8.32
N THR B 224 9.34 14.67 -9.00
CA THR B 224 8.75 15.90 -8.46
C THR B 224 7.30 15.85 -8.76
N ALA B 225 6.58 16.75 -8.13
CA ALA B 225 5.15 16.85 -8.30
C ALA B 225 4.84 17.21 -9.74
N HIS B 226 5.68 18.09 -10.27
CA HIS B 226 5.54 18.49 -11.64
C HIS B 226 5.66 17.32 -12.65
N TRP B 227 6.57 16.38 -12.43
CA TRP B 227 6.67 15.20 -13.34
C TRP B 227 5.40 14.33 -13.23
N HIS B 228 4.93 14.15 -12.01
CA HIS B 228 3.81 13.24 -11.82
C HIS B 228 2.47 13.85 -12.21
N PHE B 229 2.30 15.13 -11.94
CA PHE B 229 0.94 15.72 -12.02
C PHE B 229 0.82 16.75 -13.11
N GLY B 230 1.92 17.42 -13.50
CA GLY B 230 1.89 18.45 -14.52
C GLY B 230 1.68 19.87 -13.96
N GLN B 231 0.50 20.45 -14.23
CA GLN B 231 0.22 21.90 -14.03
C GLN B 231 1.05 22.83 -14.99
#